data_8JP1
#
_entry.id   8JP1
#
_cell.length_a   48.905
_cell.length_b   108.373
_cell.length_c   75.098
_cell.angle_alpha   90.00
_cell.angle_beta   103.18
_cell.angle_gamma   90.00
#
_symmetry.space_group_name_H-M   'P 1 21 1'
#
loop_
_entity.id
_entity.type
_entity.pdbx_description
1 polymer 'Aldo-keto reductase family 1 member C3'
2 non-polymer 'NADP NICOTINAMIDE-ADENINE-DINUCLEOTIDE PHOSPHATE'
3 non-polymer 7-HYDROXY-2-(4-HYDROXY-PHENYL)-CHROMAN-4-ONE
4 water water
#
_entity_poly.entity_id   1
_entity_poly.type   'polypeptide(L)'
_entity_poly.pdbx_seq_one_letter_code
;MDSKHQCVKLNDGHFMPVLGFGTYAPPEVPRSKALEVTKLAIEAGFRHIDSAHLYNNEEQVGLAIRSKIADGSVKREDIF
YTSKLWSTFHRPELVRPALENSLKKAQLDYVDLYLIHSPMSLKPGEELSPTDENGKVIFDIVDLCTTWEAMEKCKDAGLA
KSIGVSNFNRRQLEMILNKPGLKYKPVCNQVECHPYFNRSKLLDFCKSKDIVLVAYSALGSQRDKRWVDPNSPVLLEDPV
LCALAKKHKRTPALIALRYQLQRGVVVLAKSYNEQRIRQNVQVFEFQLTAEDMKAIDGLDRNLHYFNSDSFASHPNYPYS
DEYLEHHHHHH
;
_entity_poly.pdbx_strand_id   A,B
#
# COMPACT_ATOMS: atom_id res chain seq x y z
N GLN A 6 -23.89 -8.20 -23.51
CA GLN A 6 -23.63 -9.64 -23.49
C GLN A 6 -22.16 -9.97 -23.73
N CYS A 7 -21.71 -9.89 -24.98
CA CYS A 7 -20.39 -10.32 -25.37
C CYS A 7 -19.72 -9.26 -26.23
N VAL A 8 -18.40 -9.39 -26.36
CA VAL A 8 -17.63 -8.53 -27.26
C VAL A 8 -16.86 -9.43 -28.20
N LYS A 9 -16.73 -8.99 -29.46
CA LYS A 9 -16.02 -9.75 -30.47
C LYS A 9 -14.52 -9.53 -30.34
N LEU A 10 -13.78 -10.62 -30.10
CA LEU A 10 -12.33 -10.56 -30.02
C LEU A 10 -11.71 -10.46 -31.42
N ASN A 11 -10.41 -10.18 -31.45
CA ASN A 11 -9.73 -9.96 -32.73
C ASN A 11 -9.39 -11.27 -33.44
N ASP A 12 -9.66 -12.43 -32.84
CA ASP A 12 -9.59 -13.66 -33.61
C ASP A 12 -10.98 -14.16 -34.00
N GLY A 13 -12.00 -13.32 -33.86
CA GLY A 13 -13.36 -13.69 -34.17
C GLY A 13 -14.09 -14.51 -33.13
N HIS A 14 -13.44 -14.86 -32.02
CA HIS A 14 -14.19 -15.50 -30.95
C HIS A 14 -14.97 -14.46 -30.15
N PHE A 15 -15.82 -14.91 -29.22
CA PHE A 15 -16.69 -14.01 -28.48
C PHE A 15 -16.49 -14.19 -26.98
N MET A 16 -16.27 -13.09 -26.26
CA MET A 16 -16.06 -13.07 -24.82
C MET A 16 -17.23 -12.39 -24.10
N PRO A 17 -17.87 -13.04 -23.12
CA PRO A 17 -18.88 -12.33 -22.32
C PRO A 17 -18.24 -11.22 -21.49
N VAL A 18 -18.97 -10.10 -21.36
CA VAL A 18 -18.34 -8.90 -20.77
C VAL A 18 -18.29 -8.95 -19.23
N LEU A 19 -19.09 -9.80 -18.59
CA LEU A 19 -19.04 -10.02 -17.14
C LEU A 19 -18.43 -11.40 -16.87
N GLY A 20 -17.43 -11.46 -15.98
CA GLY A 20 -16.77 -12.71 -15.68
C GLY A 20 -16.68 -13.00 -14.19
N PHE A 21 -16.73 -14.29 -13.85
CA PHE A 21 -16.63 -14.73 -12.47
C PHE A 21 -15.17 -14.97 -12.11
N GLY A 22 -14.70 -14.32 -11.05
CA GLY A 22 -13.33 -14.53 -10.58
C GLY A 22 -13.30 -15.65 -9.55
N THR A 23 -12.46 -16.66 -9.80
CA THR A 23 -12.48 -17.87 -8.98
C THR A 23 -11.37 -17.90 -7.93
N TYR A 24 -10.45 -16.96 -7.90
CA TYR A 24 -9.36 -17.06 -6.93
C TYR A 24 -9.86 -16.89 -5.51
N ALA A 25 -9.44 -17.79 -4.63
CA ALA A 25 -9.59 -17.74 -3.19
C ALA A 25 -8.23 -18.01 -2.55
N PRO A 26 -7.95 -17.42 -1.39
CA PRO A 26 -6.66 -17.69 -0.69
C PRO A 26 -6.56 -19.15 -0.30
N PRO A 27 -5.35 -19.63 0.02
CA PRO A 27 -5.20 -21.06 0.38
C PRO A 27 -5.91 -21.44 1.66
N GLU A 28 -6.24 -20.48 2.51
CA GLU A 28 -6.98 -20.76 3.75
C GLU A 28 -8.42 -21.19 3.48
N VAL A 29 -8.97 -20.89 2.31
CA VAL A 29 -10.32 -21.32 1.98
C VAL A 29 -10.25 -22.74 1.42
N PRO A 30 -11.07 -23.67 1.94
CA PRO A 30 -11.02 -25.06 1.44
C PRO A 30 -11.28 -25.13 -0.06
N ARG A 31 -10.70 -26.15 -0.70
CA ARG A 31 -10.85 -26.32 -2.13
C ARG A 31 -12.28 -26.64 -2.55
N SER A 32 -13.08 -27.21 -1.65
CA SER A 32 -14.44 -27.59 -2.05
C SER A 32 -15.30 -26.37 -2.38
N LYS A 33 -15.00 -25.21 -1.79
CA LYS A 33 -15.83 -24.02 -2.00
C LYS A 33 -15.82 -23.57 -3.45
N ALA A 34 -14.68 -23.69 -4.13
CA ALA A 34 -14.58 -23.26 -5.51
C ALA A 34 -15.56 -24.02 -6.40
N LEU A 35 -15.75 -25.32 -6.14
CA LEU A 35 -16.76 -26.07 -6.87
C LEU A 35 -18.15 -25.56 -6.54
N GLU A 36 -18.43 -25.35 -5.25
CA GLU A 36 -19.74 -24.87 -4.84
C GLU A 36 -20.06 -23.52 -5.47
N VAL A 37 -19.15 -22.55 -5.36
CA VAL A 37 -19.48 -21.19 -5.78
C VAL A 37 -19.47 -21.07 -7.30
N THR A 38 -18.69 -21.89 -8.00
CA THR A 38 -18.66 -21.77 -9.44
C THR A 38 -19.95 -22.28 -10.04
N LYS A 39 -20.53 -23.32 -9.45
CA LYS A 39 -21.87 -23.74 -9.85
C LYS A 39 -22.88 -22.64 -9.57
N LEU A 40 -22.73 -21.93 -8.43
CA LEU A 40 -23.68 -20.89 -8.08
C LEU A 40 -23.56 -19.71 -9.04
N ALA A 41 -22.33 -19.29 -9.35
CA ALA A 41 -22.10 -18.27 -10.35
C ALA A 41 -22.82 -18.62 -11.67
N ILE A 42 -22.56 -19.83 -12.19
CA ILE A 42 -23.24 -20.26 -13.41
C ILE A 42 -24.75 -20.25 -13.21
N GLU A 43 -25.21 -20.75 -12.07
CA GLU A 43 -26.64 -20.74 -11.81
C GLU A 43 -27.21 -19.31 -11.84
N ALA A 44 -26.44 -18.32 -11.36
CA ALA A 44 -26.93 -16.94 -11.32
C ALA A 44 -26.85 -16.23 -12.66
N GLY A 45 -26.10 -16.76 -13.62
CA GLY A 45 -26.05 -16.14 -14.93
C GLY A 45 -24.67 -15.98 -15.53
N PHE A 46 -23.63 -16.12 -14.70
CA PHE A 46 -22.26 -15.99 -15.18
C PHE A 46 -21.99 -17.03 -16.25
N ARG A 47 -21.39 -16.59 -17.36
CA ARG A 47 -20.96 -17.51 -18.39
C ARG A 47 -19.45 -17.46 -18.65
N HIS A 48 -18.78 -16.38 -18.26
CA HIS A 48 -17.33 -16.25 -18.34
C HIS A 48 -16.75 -16.65 -16.98
N ILE A 49 -15.73 -17.51 -16.97
CA ILE A 49 -15.16 -18.09 -15.74
C ILE A 49 -13.64 -17.97 -15.80
N ASP A 50 -13.05 -17.28 -14.84
CA ASP A 50 -11.61 -16.99 -14.85
C ASP A 50 -10.89 -17.83 -13.79
N SER A 51 -9.99 -18.70 -14.27
CA SER A 51 -9.17 -19.57 -13.39
C SER A 51 -7.69 -19.43 -13.78
N ALA A 52 -6.81 -20.27 -13.23
CA ALA A 52 -5.39 -20.22 -13.54
C ALA A 52 -4.71 -21.36 -12.81
N HIS A 53 -3.55 -21.77 -13.33
CA HIS A 53 -2.74 -22.76 -12.62
C HIS A 53 -2.39 -22.26 -11.22
N LEU A 54 -2.13 -20.95 -11.07
CA LEU A 54 -1.74 -20.41 -9.77
C LEU A 54 -2.80 -20.65 -8.70
N TYR A 55 -4.09 -20.67 -9.10
CA TYR A 55 -5.18 -20.68 -8.13
C TYR A 55 -5.39 -22.03 -7.49
N ASN A 56 -4.76 -23.07 -8.03
CA ASN A 56 -4.87 -24.41 -7.42
C ASN A 56 -6.37 -24.76 -7.29
N ASN A 57 -7.16 -24.51 -8.34
CA ASN A 57 -8.61 -24.73 -8.19
C ASN A 57 -9.24 -25.26 -9.47
N GLU A 58 -8.39 -25.54 -10.44
CA GLU A 58 -8.80 -25.99 -11.78
C GLU A 58 -9.67 -27.25 -11.74
N GLU A 59 -9.31 -28.20 -10.91
CA GLU A 59 -10.12 -29.39 -10.76
C GLU A 59 -11.54 -29.03 -10.37
N GLN A 60 -11.67 -28.21 -9.32
CA GLN A 60 -12.99 -27.87 -8.79
C GLN A 60 -13.77 -27.00 -9.78
N VAL A 61 -13.15 -25.93 -10.29
CA VAL A 61 -13.82 -25.10 -11.29
C VAL A 61 -14.22 -25.94 -12.49
N GLY A 62 -13.32 -26.83 -12.92
CA GLY A 62 -13.64 -27.69 -14.05
C GLY A 62 -14.83 -28.59 -13.77
N LEU A 63 -14.90 -29.13 -12.56
CA LEU A 63 -15.99 -30.03 -12.22
C LEU A 63 -17.32 -29.27 -12.14
N ALA A 64 -17.28 -28.01 -11.68
CA ALA A 64 -18.50 -27.21 -11.63
C ALA A 64 -19.04 -26.96 -13.02
N ILE A 65 -18.15 -26.71 -13.99
CA ILE A 65 -18.58 -26.55 -15.37
C ILE A 65 -19.21 -27.84 -15.88
N ARG A 66 -18.53 -28.95 -15.66
CA ARG A 66 -19.08 -30.22 -16.15
C ARG A 66 -20.35 -30.60 -15.38
N SER A 67 -20.43 -30.24 -14.10
CA SER A 67 -21.68 -30.39 -13.36
C SER A 67 -22.84 -29.65 -14.05
N LYS A 68 -22.64 -28.38 -14.40
CA LYS A 68 -23.76 -27.61 -14.95
C LYS A 68 -24.06 -27.98 -16.39
N ILE A 69 -23.14 -28.63 -17.09
CA ILE A 69 -23.46 -29.19 -18.39
C ILE A 69 -24.26 -30.48 -18.23
N ALA A 70 -23.91 -31.27 -17.22
CA ALA A 70 -24.55 -32.57 -17.01
C ALA A 70 -26.00 -32.41 -16.60
N ASP A 71 -26.30 -31.43 -15.75
CA ASP A 71 -27.67 -31.24 -15.32
C ASP A 71 -28.51 -30.44 -16.32
N GLY A 72 -27.96 -30.11 -17.49
CA GLY A 72 -28.72 -29.47 -18.56
C GLY A 72 -28.84 -27.96 -18.47
N SER A 73 -28.20 -27.30 -17.50
CA SER A 73 -28.33 -25.84 -17.43
C SER A 73 -27.61 -25.16 -18.58
N VAL A 74 -26.41 -25.61 -18.94
CA VAL A 74 -25.62 -24.98 -20.00
C VAL A 74 -25.00 -26.06 -20.88
N LYS A 75 -24.50 -25.63 -22.03
CA LYS A 75 -23.64 -26.46 -22.86
C LYS A 75 -22.22 -25.88 -22.87
N ARG A 76 -21.25 -26.72 -23.27
CA ARG A 76 -19.86 -26.30 -23.22
C ARG A 76 -19.65 -25.04 -24.03
N GLU A 77 -20.33 -24.93 -25.17
CA GLU A 77 -20.16 -23.75 -26.02
C GLU A 77 -20.81 -22.52 -25.43
N ASP A 78 -21.62 -22.66 -24.38
CA ASP A 78 -22.19 -21.51 -23.67
C ASP A 78 -21.22 -20.89 -22.66
N ILE A 79 -20.16 -21.62 -22.30
CA ILE A 79 -19.23 -21.28 -21.23
C ILE A 79 -17.94 -20.75 -21.84
N PHE A 80 -17.43 -19.65 -21.29
CA PHE A 80 -16.14 -19.07 -21.66
C PHE A 80 -15.19 -19.34 -20.51
N TYR A 81 -14.26 -20.28 -20.69
CA TYR A 81 -13.35 -20.70 -19.63
C TYR A 81 -11.93 -20.25 -19.90
N THR A 82 -11.35 -19.56 -18.92
CA THR A 82 -10.02 -19.00 -19.03
C THR A 82 -9.10 -19.68 -18.03
N SER A 83 -7.91 -20.07 -18.49
CA SER A 83 -6.81 -20.43 -17.61
C SER A 83 -5.62 -19.55 -17.98
N LYS A 84 -4.55 -19.68 -17.20
CA LYS A 84 -3.37 -18.86 -17.38
C LYS A 84 -2.10 -19.67 -17.12
N LEU A 85 -1.13 -19.47 -17.99
CA LEU A 85 0.20 -20.07 -17.87
C LEU A 85 0.96 -19.38 -16.76
N TRP A 86 1.36 -20.12 -15.73
CA TRP A 86 2.03 -19.51 -14.59
C TRP A 86 3.49 -19.18 -14.94
N SER A 87 4.10 -18.32 -14.12
CA SER A 87 5.36 -17.67 -14.48
C SER A 87 6.57 -18.60 -14.44
N THR A 88 6.44 -19.78 -13.84
CA THR A 88 7.50 -20.80 -13.86
C THR A 88 7.53 -21.62 -15.14
N PHE A 89 6.60 -21.37 -16.06
CA PHE A 89 6.46 -22.15 -17.29
C PHE A 89 6.59 -21.27 -18.52
N HIS A 90 7.35 -20.18 -18.41
CA HIS A 90 7.49 -19.28 -19.55
C HIS A 90 8.39 -19.86 -20.63
N ARG A 91 9.33 -20.72 -20.25
CA ARG A 91 10.24 -21.24 -21.26
C ARG A 91 9.45 -21.98 -22.33
N PRO A 92 9.77 -21.74 -23.60
CA PRO A 92 8.82 -22.14 -24.66
C PRO A 92 8.41 -23.59 -24.64
N GLU A 93 9.31 -24.49 -24.24
CA GLU A 93 9.04 -25.93 -24.27
C GLU A 93 8.13 -26.37 -23.11
N LEU A 94 7.87 -25.49 -22.15
CA LEU A 94 7.01 -25.84 -21.03
C LEU A 94 5.57 -25.37 -21.21
N VAL A 95 5.29 -24.61 -22.28
CA VAL A 95 3.99 -23.94 -22.39
C VAL A 95 2.89 -24.96 -22.66
N ARG A 96 3.01 -25.71 -23.76
CA ARG A 96 1.98 -26.68 -24.10
C ARG A 96 1.76 -27.74 -23.02
N PRO A 97 2.78 -28.36 -22.41
CA PRO A 97 2.48 -29.30 -21.32
C PRO A 97 1.77 -28.65 -20.16
N ALA A 98 2.05 -27.39 -19.87
CA ALA A 98 1.34 -26.69 -18.82
C ALA A 98 -0.13 -26.55 -19.17
N LEU A 99 -0.42 -26.07 -20.38
CA LEU A 99 -1.81 -26.01 -20.84
C LEU A 99 -2.46 -27.39 -20.84
N GLU A 100 -1.77 -28.39 -21.39
CA GLU A 100 -2.33 -29.75 -21.39
C GLU A 100 -2.58 -30.24 -19.97
N ASN A 101 -1.74 -29.82 -19.03
CA ASN A 101 -1.93 -30.16 -17.63
C ASN A 101 -3.17 -29.48 -17.05
N SER A 102 -3.38 -28.21 -17.41
CA SER A 102 -4.57 -27.48 -16.96
C SER A 102 -5.84 -28.09 -17.53
N LEU A 103 -5.81 -28.46 -18.82
CA LEU A 103 -6.94 -29.18 -19.41
C LEU A 103 -7.23 -30.47 -18.65
N LYS A 104 -6.19 -31.23 -18.29
CA LYS A 104 -6.39 -32.51 -17.62
C LYS A 104 -6.99 -32.31 -16.24
N LYS A 105 -6.48 -31.33 -15.47
CA LYS A 105 -7.08 -31.03 -14.18
C LYS A 105 -8.54 -30.65 -14.33
N ALA A 106 -8.85 -29.79 -15.30
CA ALA A 106 -10.21 -29.31 -15.49
C ALA A 106 -11.11 -30.32 -16.20
N GLN A 107 -10.53 -31.40 -16.72
CA GLN A 107 -11.24 -32.38 -17.54
C GLN A 107 -12.07 -31.71 -18.63
N LEU A 108 -11.42 -30.83 -19.39
CA LEU A 108 -11.96 -30.18 -20.57
C LEU A 108 -11.08 -30.47 -21.77
N ASP A 109 -11.65 -30.35 -22.97
CA ASP A 109 -10.86 -30.52 -24.20
C ASP A 109 -10.07 -29.26 -24.57
N TYR A 110 -10.64 -28.08 -24.31
CA TYR A 110 -10.00 -26.81 -24.68
C TYR A 110 -10.32 -25.77 -23.61
N VAL A 111 -9.49 -24.72 -23.56
CA VAL A 111 -9.88 -23.49 -22.86
C VAL A 111 -10.36 -22.50 -23.91
N ASP A 112 -11.33 -21.67 -23.52
CA ASP A 112 -11.70 -20.58 -24.40
C ASP A 112 -10.59 -19.53 -24.47
N LEU A 113 -9.82 -19.40 -23.40
CA LEU A 113 -8.80 -18.36 -23.34
C LEU A 113 -7.65 -18.85 -22.48
N TYR A 114 -6.43 -18.76 -23.01
CA TYR A 114 -5.21 -19.07 -22.28
C TYR A 114 -4.32 -17.83 -22.28
N LEU A 115 -3.85 -17.43 -21.11
CA LEU A 115 -3.10 -16.18 -20.96
C LEU A 115 -1.72 -16.46 -20.39
N ILE A 116 -0.74 -15.65 -20.83
CA ILE A 116 0.46 -15.49 -20.02
C ILE A 116 0.08 -14.68 -18.79
N HIS A 117 0.19 -15.30 -17.62
CA HIS A 117 -0.35 -14.73 -16.39
C HIS A 117 0.38 -13.43 -16.01
N SER A 118 1.69 -13.38 -16.26
CA SER A 118 2.54 -12.27 -15.81
C SER A 118 3.78 -12.21 -16.67
N PRO A 119 4.31 -11.03 -16.97
CA PRO A 119 5.61 -10.93 -17.67
C PRO A 119 6.81 -11.27 -16.79
N MET A 120 6.63 -11.55 -15.50
CA MET A 120 7.75 -11.66 -14.57
C MET A 120 8.09 -13.14 -14.40
N SER A 121 9.00 -13.62 -15.24
CA SER A 121 9.35 -15.03 -15.25
C SER A 121 9.99 -15.47 -13.94
N LEU A 122 9.70 -16.70 -13.53
CA LEU A 122 10.24 -17.26 -12.31
C LEU A 122 11.02 -18.53 -12.65
N LYS A 123 11.81 -18.99 -11.68
CA LYS A 123 12.64 -20.17 -11.88
C LYS A 123 11.78 -21.39 -12.17
N PRO A 124 12.05 -22.13 -13.25
CA PRO A 124 11.28 -23.35 -13.52
C PRO A 124 11.37 -24.34 -12.37
N GLY A 125 10.30 -25.10 -12.19
CA GLY A 125 10.27 -26.10 -11.13
C GLY A 125 8.85 -26.40 -10.72
N GLU A 126 8.75 -27.21 -9.67
CA GLU A 126 7.47 -27.63 -9.14
C GLU A 126 6.91 -26.66 -8.12
N GLU A 127 7.64 -25.59 -7.81
CA GLU A 127 7.24 -24.64 -6.79
C GLU A 127 6.63 -23.40 -7.43
N LEU A 128 5.43 -23.03 -6.95
CA LEU A 128 4.75 -21.83 -7.45
C LEU A 128 5.60 -20.58 -7.24
N SER A 129 6.20 -20.45 -6.06
CA SER A 129 7.02 -19.30 -5.70
C SER A 129 8.39 -19.82 -5.28
N PRO A 130 9.26 -20.16 -6.23
CA PRO A 130 10.61 -20.59 -5.86
C PRO A 130 11.34 -19.47 -5.13
N THR A 131 11.82 -19.78 -3.93
CA THR A 131 12.58 -18.84 -3.12
C THR A 131 13.94 -19.42 -2.81
N ASP A 132 14.94 -18.54 -2.73
CA ASP A 132 16.31 -18.98 -2.57
C ASP A 132 16.57 -19.41 -1.13
N GLU A 133 17.83 -19.73 -0.86
CA GLU A 133 18.30 -20.09 0.47
C GLU A 133 17.94 -19.07 1.53
N ASN A 134 17.48 -17.86 1.15
CA ASN A 134 17.18 -16.81 2.10
C ASN A 134 15.75 -16.27 1.96
N GLY A 135 14.87 -16.99 1.28
CA GLY A 135 13.48 -16.61 1.19
C GLY A 135 13.13 -15.60 0.12
N LYS A 136 14.12 -15.11 -0.65
CA LYS A 136 13.82 -14.22 -1.76
C LYS A 136 13.37 -15.02 -2.97
N VAL A 137 12.36 -14.50 -3.67
CA VAL A 137 11.88 -15.13 -4.88
C VAL A 137 13.02 -15.27 -5.87
N ILE A 138 12.96 -16.30 -6.70
CA ILE A 138 13.99 -16.49 -7.70
C ILE A 138 13.41 -16.21 -9.09
N PHE A 139 13.98 -15.21 -9.75
CA PHE A 139 13.59 -14.82 -11.09
C PHE A 139 14.23 -15.71 -12.16
N ASP A 140 13.60 -15.73 -13.33
CA ASP A 140 14.15 -16.33 -14.54
C ASP A 140 14.17 -15.27 -15.63
N ILE A 141 14.95 -15.50 -16.67
CA ILE A 141 15.02 -14.58 -17.81
C ILE A 141 14.59 -15.33 -19.04
N VAL A 142 13.50 -14.88 -19.66
CA VAL A 142 12.89 -15.55 -20.79
C VAL A 142 12.44 -14.47 -21.77
N ASP A 143 12.80 -14.62 -23.04
CA ASP A 143 12.28 -13.74 -24.07
C ASP A 143 10.80 -14.07 -24.28
N LEU A 144 9.92 -13.17 -23.87
CA LEU A 144 8.49 -13.46 -23.87
C LEU A 144 7.92 -13.64 -25.27
N CYS A 145 8.64 -13.20 -26.29
CA CYS A 145 8.24 -13.49 -27.66
C CYS A 145 8.29 -14.97 -27.94
N THR A 146 9.26 -15.69 -27.37
CA THR A 146 9.32 -17.13 -27.58
C THR A 146 8.19 -17.83 -26.85
N THR A 147 7.84 -17.34 -25.65
CA THR A 147 6.65 -17.81 -24.97
C THR A 147 5.41 -17.60 -25.82
N TRP A 148 5.31 -16.42 -26.46
CA TRP A 148 4.13 -16.13 -27.25
C TRP A 148 4.04 -17.05 -28.46
N GLU A 149 5.16 -17.31 -29.12
CA GLU A 149 5.19 -18.26 -30.22
C GLU A 149 4.62 -19.61 -29.80
N ALA A 150 4.92 -20.04 -28.58
CA ALA A 150 4.36 -21.29 -28.11
C ALA A 150 2.85 -21.14 -27.83
N MET A 151 2.45 -19.99 -27.26
CA MET A 151 1.02 -19.73 -27.11
C MET A 151 0.29 -19.85 -28.44
N GLU A 152 0.86 -19.25 -29.50
CA GLU A 152 0.23 -19.33 -30.81
C GLU A 152 0.09 -20.78 -31.27
N LYS A 153 1.14 -21.59 -31.09
CA LYS A 153 1.03 -23.01 -31.43
C LYS A 153 -0.14 -23.67 -30.70
N CYS A 154 -0.41 -23.23 -29.46
CA CYS A 154 -1.53 -23.80 -28.71
C CYS A 154 -2.86 -23.44 -29.35
N LYS A 155 -3.01 -22.20 -29.82
CA LYS A 155 -4.24 -21.85 -30.53
C LYS A 155 -4.37 -22.64 -31.82
N ASP A 156 -3.25 -22.85 -32.54
CA ASP A 156 -3.35 -23.55 -33.81
C ASP A 156 -3.65 -25.04 -33.62
N ALA A 157 -3.41 -25.57 -32.42
CA ALA A 157 -3.77 -26.94 -32.08
C ALA A 157 -5.17 -27.06 -31.53
N GLY A 158 -5.91 -25.95 -31.43
CA GLY A 158 -7.27 -25.95 -30.92
C GLY A 158 -7.38 -26.23 -29.44
N LEU A 159 -6.25 -26.21 -28.73
CA LEU A 159 -6.24 -26.37 -27.28
C LEU A 159 -6.70 -25.11 -26.56
N ALA A 160 -6.41 -23.95 -27.14
CA ALA A 160 -6.94 -22.67 -26.68
C ALA A 160 -7.67 -22.02 -27.84
N LYS A 161 -8.93 -21.65 -27.61
CA LYS A 161 -9.65 -20.96 -28.67
C LYS A 161 -9.03 -19.60 -28.95
N SER A 162 -8.62 -18.89 -27.89
CA SER A 162 -7.99 -17.59 -27.99
C SER A 162 -6.85 -17.46 -26.99
N ILE A 163 -5.88 -16.63 -27.33
CA ILE A 163 -4.72 -16.43 -26.46
C ILE A 163 -4.55 -14.95 -26.20
N GLY A 164 -4.00 -14.65 -25.01
CA GLY A 164 -3.79 -13.27 -24.62
C GLY A 164 -2.76 -13.16 -23.52
N VAL A 165 -2.66 -11.97 -22.93
CA VAL A 165 -1.68 -11.73 -21.88
C VAL A 165 -2.37 -11.09 -20.66
N SER A 166 -1.58 -10.93 -19.61
CA SER A 166 -2.09 -10.39 -18.37
C SER A 166 -0.94 -9.71 -17.63
N ASN A 167 -1.23 -8.56 -17.03
CA ASN A 167 -0.27 -7.77 -16.26
C ASN A 167 0.83 -7.18 -17.15
N PHE A 168 0.53 -7.01 -18.43
CA PHE A 168 1.44 -6.38 -19.38
C PHE A 168 1.22 -4.88 -19.40
N ASN A 169 2.31 -4.12 -19.49
CA ASN A 169 2.22 -2.70 -19.77
C ASN A 169 2.24 -2.46 -21.28
N ARG A 170 2.18 -1.18 -21.68
CA ARG A 170 2.15 -0.84 -23.09
C ARG A 170 3.44 -1.26 -23.80
N ARG A 171 4.57 -1.09 -23.12
CA ARG A 171 5.85 -1.50 -23.68
C ARG A 171 5.91 -3.01 -23.90
N GLN A 172 5.45 -3.80 -22.92
CA GLN A 172 5.49 -5.24 -23.08
C GLN A 172 4.51 -5.71 -24.14
N LEU A 173 3.38 -5.01 -24.30
CA LEU A 173 2.46 -5.34 -25.38
C LEU A 173 3.08 -5.04 -26.74
N GLU A 174 3.64 -3.84 -26.92
CA GLU A 174 4.21 -3.49 -28.21
C GLU A 174 5.30 -4.47 -28.61
N MET A 175 6.06 -4.98 -27.64
CA MET A 175 7.05 -6.02 -27.94
C MET A 175 6.41 -7.19 -28.67
N ILE A 176 5.23 -7.62 -28.20
CA ILE A 176 4.50 -8.68 -28.89
C ILE A 176 3.97 -8.17 -30.22
N LEU A 177 3.33 -6.99 -30.22
CA LEU A 177 2.71 -6.52 -31.45
C LEU A 177 3.74 -6.29 -32.56
N ASN A 178 4.99 -6.00 -32.20
CA ASN A 178 6.03 -5.72 -33.19
C ASN A 178 6.95 -6.90 -33.43
N LYS A 179 6.72 -8.05 -32.77
CA LYS A 179 7.51 -9.23 -33.01
C LYS A 179 7.53 -9.58 -34.50
N PRO A 180 8.70 -9.78 -35.09
CA PRO A 180 8.73 -10.23 -36.49
C PRO A 180 8.08 -11.60 -36.64
N GLY A 181 7.25 -11.75 -37.67
CA GLY A 181 6.58 -12.99 -37.90
C GLY A 181 5.44 -13.30 -36.94
N LEU A 182 4.95 -12.31 -36.20
CA LEU A 182 3.83 -12.57 -35.29
C LEU A 182 2.67 -13.17 -36.06
N LYS A 183 2.05 -14.20 -35.47
CA LYS A 183 0.89 -14.82 -36.08
C LYS A 183 -0.42 -14.31 -35.48
N TYR A 184 -0.56 -14.35 -34.16
CA TYR A 184 -1.80 -13.96 -33.48
C TYR A 184 -1.53 -12.84 -32.48
N LYS A 185 -2.24 -11.72 -32.64
CA LYS A 185 -2.22 -10.67 -31.64
C LYS A 185 -2.89 -11.17 -30.36
N PRO A 186 -2.50 -10.66 -29.19
CA PRO A 186 -3.25 -10.99 -27.98
C PRO A 186 -4.69 -10.53 -28.15
N VAL A 187 -5.64 -11.37 -27.75
CA VAL A 187 -7.04 -10.94 -27.79
C VAL A 187 -7.38 -10.04 -26.61
N CYS A 188 -6.61 -10.07 -25.53
CA CYS A 188 -6.93 -9.21 -24.40
C CYS A 188 -5.65 -8.93 -23.63
N ASN A 189 -5.74 -7.98 -22.70
CA ASN A 189 -4.72 -7.78 -21.66
C ASN A 189 -5.46 -7.69 -20.33
N GLN A 190 -5.36 -8.72 -19.49
CA GLN A 190 -6.04 -8.72 -18.20
C GLN A 190 -5.18 -8.02 -17.15
N VAL A 191 -5.69 -6.92 -16.58
CA VAL A 191 -4.90 -6.06 -15.71
C VAL A 191 -5.77 -5.52 -14.57
N GLU A 192 -5.10 -5.05 -13.50
CA GLU A 192 -5.80 -4.41 -12.39
C GLU A 192 -6.45 -3.13 -12.88
N CYS A 193 -7.74 -2.97 -12.63
CA CYS A 193 -8.51 -1.83 -13.14
C CYS A 193 -9.73 -1.58 -12.27
N HIS A 194 -9.79 -0.42 -11.63
CA HIS A 194 -10.91 -0.03 -10.77
C HIS A 194 -10.96 1.50 -10.73
N PRO A 195 -11.99 2.10 -10.12
CA PRO A 195 -12.06 3.57 -10.10
C PRO A 195 -10.88 4.28 -9.43
N TYR A 196 -10.06 3.57 -8.61
CA TYR A 196 -8.87 4.23 -7.98
C TYR A 196 -7.63 4.12 -8.91
N PHE A 197 -7.79 3.32 -9.97
CA PHE A 197 -6.78 3.06 -11.03
C PHE A 197 -7.57 2.61 -12.26
N ASN A 198 -8.00 3.56 -13.09
CA ASN A 198 -8.90 3.27 -14.23
C ASN A 198 -8.15 2.83 -15.52
N ARG A 199 -6.82 2.99 -15.51
CA ARG A 199 -5.92 2.61 -16.63
C ARG A 199 -6.39 3.25 -17.95
N SER A 200 -6.86 4.49 -17.92
CA SER A 200 -7.47 5.08 -19.12
C SER A 200 -6.48 5.16 -20.27
N LYS A 201 -5.22 5.48 -19.99
CA LYS A 201 -4.23 5.54 -21.06
C LYS A 201 -3.98 4.16 -21.66
N LEU A 202 -3.81 3.15 -20.80
CA LEU A 202 -3.62 1.80 -21.31
C LEU A 202 -4.86 1.33 -22.06
N LEU A 203 -6.05 1.68 -21.54
CA LEU A 203 -7.29 1.29 -22.20
C LEU A 203 -7.37 1.88 -23.61
N ASP A 204 -6.92 3.12 -23.79
CA ASP A 204 -7.00 3.74 -25.11
C ASP A 204 -6.00 3.10 -26.06
N PHE A 205 -4.83 2.73 -25.55
CA PHE A 205 -3.89 2.00 -26.38
C PHE A 205 -4.44 0.63 -26.76
N CYS A 206 -5.03 -0.09 -25.81
CA CYS A 206 -5.62 -1.37 -26.19
C CYS A 206 -6.73 -1.20 -27.23
N LYS A 207 -7.62 -0.21 -27.04
CA LYS A 207 -8.66 0.02 -28.04
C LYS A 207 -8.04 0.30 -29.40
N SER A 208 -6.89 0.97 -29.42
CA SER A 208 -6.29 1.33 -30.70
C SER A 208 -5.77 0.10 -31.45
N LYS A 209 -5.51 -1.00 -30.74
CA LYS A 209 -5.07 -2.24 -31.37
C LYS A 209 -6.14 -3.31 -31.34
N ASP A 210 -7.38 -2.91 -31.05
CA ASP A 210 -8.49 -3.82 -30.78
C ASP A 210 -8.05 -4.96 -29.85
N ILE A 211 -7.49 -4.57 -28.73
CA ILE A 211 -7.18 -5.47 -27.63
C ILE A 211 -8.15 -5.16 -26.50
N VAL A 212 -8.88 -6.18 -26.05
CA VAL A 212 -9.79 -5.98 -24.91
C VAL A 212 -8.98 -5.84 -23.63
N LEU A 213 -9.31 -4.85 -22.83
CA LEU A 213 -8.80 -4.80 -21.46
C LEU A 213 -9.79 -5.55 -20.59
N VAL A 214 -9.30 -6.49 -19.80
CA VAL A 214 -10.13 -7.23 -18.85
C VAL A 214 -9.70 -6.81 -17.45
N ALA A 215 -10.64 -6.31 -16.66
CA ALA A 215 -10.32 -5.70 -15.38
C ALA A 215 -10.38 -6.75 -14.27
N TYR A 216 -9.30 -6.89 -13.53
CA TYR A 216 -9.33 -7.66 -12.30
C TYR A 216 -9.20 -6.73 -11.10
N SER A 217 -9.49 -7.29 -9.93
CA SER A 217 -9.63 -6.47 -8.71
C SER A 217 -10.52 -5.25 -8.97
N ALA A 218 -11.55 -5.44 -9.81
CA ALA A 218 -12.47 -4.35 -10.13
C ALA A 218 -13.30 -3.90 -8.94
N LEU A 219 -13.43 -4.73 -7.92
CA LEU A 219 -14.09 -4.34 -6.69
C LEU A 219 -13.10 -3.95 -5.58
N GLY A 220 -11.82 -3.75 -5.91
CA GLY A 220 -10.85 -3.34 -4.93
C GLY A 220 -9.99 -4.44 -4.37
N SER A 221 -10.07 -5.65 -4.91
CA SER A 221 -9.26 -6.81 -4.52
C SER A 221 -9.72 -7.37 -3.18
N GLN A 222 -9.25 -8.58 -2.87
CA GLN A 222 -9.57 -9.23 -1.61
C GLN A 222 -8.76 -8.72 -0.43
N ARG A 223 -7.88 -7.75 -0.65
CA ARG A 223 -7.14 -7.06 0.42
C ARG A 223 -6.36 -8.04 1.31
N ASP A 224 -5.91 -9.14 0.72
CA ASP A 224 -4.99 -10.06 1.36
C ASP A 224 -3.75 -9.30 1.86
N LYS A 225 -3.50 -9.36 3.16
CA LYS A 225 -2.41 -8.56 3.72
C LYS A 225 -1.04 -9.07 3.29
N ARG A 226 -0.96 -10.26 2.71
CA ARG A 226 0.32 -10.69 2.15
C ARG A 226 0.72 -9.82 0.96
N TRP A 227 -0.26 -9.24 0.26
CA TRP A 227 0.00 -8.54 -1.00
C TRP A 227 -0.55 -7.12 -1.06
N VAL A 228 -1.40 -6.72 -0.12
CA VAL A 228 -2.08 -5.43 -0.16
C VAL A 228 -1.93 -4.77 1.19
N ASP A 229 -1.55 -3.49 1.19
CA ASP A 229 -1.47 -2.76 2.45
C ASP A 229 -2.85 -2.65 3.09
N PRO A 230 -3.09 -3.25 4.26
CA PRO A 230 -4.43 -3.21 4.87
C PRO A 230 -4.93 -1.80 5.20
N ASN A 231 -4.07 -0.78 5.16
CA ASN A 231 -4.51 0.58 5.45
C ASN A 231 -4.71 1.42 4.17
N SER A 232 -4.67 0.78 3.00
CA SER A 232 -5.10 1.43 1.78
C SER A 232 -6.59 1.75 1.83
N PRO A 233 -7.05 2.73 1.07
CA PRO A 233 -8.49 3.00 1.03
C PRO A 233 -9.24 1.80 0.50
N VAL A 234 -10.40 1.54 1.11
CA VAL A 234 -11.30 0.48 0.67
C VAL A 234 -12.14 1.04 -0.47
N LEU A 235 -11.92 0.52 -1.68
CA LEU A 235 -12.64 1.01 -2.86
C LEU A 235 -14.14 1.13 -2.60
N LEU A 236 -14.77 0.04 -2.15
CA LEU A 236 -16.23 0.05 -2.04
C LEU A 236 -16.75 0.96 -0.95
N GLU A 237 -15.88 1.51 -0.11
CA GLU A 237 -16.30 2.49 0.89
C GLU A 237 -16.22 3.92 0.37
N ASP A 238 -16.01 4.09 -0.93
CA ASP A 238 -15.78 5.42 -1.49
C ASP A 238 -17.05 6.25 -1.47
N PRO A 239 -17.00 7.49 -0.99
CA PRO A 239 -18.23 8.30 -0.92
C PRO A 239 -18.88 8.57 -2.28
N VAL A 240 -18.10 8.85 -3.32
CA VAL A 240 -18.74 9.05 -4.62
C VAL A 240 -19.43 7.76 -5.08
N LEU A 241 -18.78 6.61 -4.86
CA LEU A 241 -19.41 5.34 -5.24
C LEU A 241 -20.64 5.06 -4.41
N CYS A 242 -20.57 5.33 -3.10
CA CYS A 242 -21.72 5.07 -2.24
C CYS A 242 -22.86 6.01 -2.57
N ALA A 243 -22.55 7.29 -2.83
CA ALA A 243 -23.60 8.24 -3.22
C ALA A 243 -24.24 7.87 -4.54
N LEU A 244 -23.48 7.28 -5.46
CA LEU A 244 -24.07 6.81 -6.72
C LEU A 244 -24.90 5.54 -6.52
N ALA A 245 -24.49 4.66 -5.60
CA ALA A 245 -25.30 3.51 -5.28
C ALA A 245 -26.67 3.92 -4.75
N LYS A 246 -26.68 4.84 -3.78
CA LYS A 246 -27.94 5.31 -3.22
C LYS A 246 -28.80 5.96 -4.30
N LYS A 247 -28.19 6.74 -5.18
CA LYS A 247 -28.94 7.39 -6.25
C LYS A 247 -29.63 6.37 -7.15
N HIS A 248 -28.90 5.35 -7.60
CA HIS A 248 -29.43 4.34 -8.51
C HIS A 248 -30.12 3.18 -7.80
N LYS A 249 -30.30 3.26 -6.49
CA LYS A 249 -30.85 2.15 -5.68
C LYS A 249 -30.11 0.85 -6.02
N ARG A 250 -28.78 0.94 -6.07
CA ARG A 250 -27.96 -0.25 -6.39
C ARG A 250 -26.98 -0.27 -5.21
N THR A 251 -25.77 -0.77 -5.45
CA THR A 251 -24.78 -1.04 -4.37
C THR A 251 -23.40 -0.62 -4.89
N PRO A 252 -22.51 -0.06 -4.05
CA PRO A 252 -21.16 0.33 -4.51
C PRO A 252 -20.55 -0.65 -5.49
N ALA A 253 -20.64 -1.96 -5.21
CA ALA A 253 -20.02 -2.93 -6.11
C ALA A 253 -20.67 -2.87 -7.49
N LEU A 254 -21.99 -2.78 -7.54
CA LEU A 254 -22.66 -2.71 -8.83
C LEU A 254 -22.23 -1.46 -9.59
N ILE A 255 -22.10 -0.32 -8.89
CA ILE A 255 -21.60 0.89 -9.55
C ILE A 255 -20.24 0.64 -10.17
N ALA A 256 -19.33 0.08 -9.36
CA ALA A 256 -17.96 -0.12 -9.83
C ALA A 256 -17.92 -1.09 -11.01
N LEU A 257 -18.80 -2.10 -11.01
CA LEU A 257 -18.85 -3.03 -12.15
C LEU A 257 -19.42 -2.34 -13.38
N ARG A 258 -20.54 -1.64 -13.22
CA ARG A 258 -21.17 -0.98 -14.36
C ARG A 258 -20.25 0.03 -15.00
N TYR A 259 -19.44 0.72 -14.18
CA TYR A 259 -18.47 1.66 -14.72
C TYR A 259 -17.63 1.03 -15.82
N GLN A 260 -17.15 -0.20 -15.63
CA GLN A 260 -16.23 -0.78 -16.60
C GLN A 260 -16.95 -1.17 -17.89
N LEU A 261 -18.16 -1.76 -17.77
CA LEU A 261 -18.91 -2.14 -18.96
C LEU A 261 -19.18 -0.94 -19.86
N GLN A 262 -19.47 0.21 -19.26
CA GLN A 262 -19.76 1.40 -20.05
C GLN A 262 -18.52 2.04 -20.65
N ARG A 263 -17.32 1.65 -20.22
CA ARG A 263 -16.09 2.11 -20.88
C ARG A 263 -15.54 1.10 -21.86
N GLY A 264 -16.30 0.06 -22.18
CA GLY A 264 -15.78 -0.97 -23.06
C GLY A 264 -14.76 -1.87 -22.41
N VAL A 265 -14.75 -1.97 -21.07
CA VAL A 265 -13.89 -2.91 -20.38
C VAL A 265 -14.71 -4.14 -20.01
N VAL A 266 -14.10 -5.31 -20.18
CA VAL A 266 -14.69 -6.57 -19.74
C VAL A 266 -14.29 -6.78 -18.29
N VAL A 267 -15.26 -7.02 -17.42
CA VAL A 267 -15.03 -6.91 -15.99
C VAL A 267 -15.21 -8.26 -15.30
N LEU A 268 -14.28 -8.56 -14.39
CA LEU A 268 -14.37 -9.70 -13.50
C LEU A 268 -14.96 -9.27 -12.16
N ALA A 269 -15.59 -10.22 -11.48
CA ALA A 269 -16.06 -10.02 -10.12
C ALA A 269 -15.94 -11.34 -9.37
N LYS A 270 -15.10 -11.40 -8.34
CA LYS A 270 -15.02 -12.58 -7.50
C LYS A 270 -15.99 -12.44 -6.33
N SER A 271 -16.76 -13.50 -6.06
CA SER A 271 -17.40 -13.60 -4.75
C SER A 271 -17.64 -15.06 -4.45
N TYR A 272 -17.46 -15.44 -3.19
CA TYR A 272 -17.76 -16.78 -2.71
C TYR A 272 -19.01 -16.77 -1.81
N ASN A 273 -19.92 -15.84 -2.06
CA ASN A 273 -21.12 -15.63 -1.24
C ASN A 273 -22.33 -15.65 -2.17
N GLU A 274 -23.25 -16.61 -1.96
CA GLU A 274 -24.34 -16.82 -2.91
C GLU A 274 -25.05 -15.52 -3.25
N GLN A 275 -25.40 -14.73 -2.25
CA GLN A 275 -26.20 -13.54 -2.48
C GLN A 275 -25.41 -12.45 -3.21
N ARG A 276 -24.12 -12.32 -2.90
CA ARG A 276 -23.32 -11.34 -3.63
C ARG A 276 -23.09 -11.79 -5.08
N ILE A 277 -22.86 -13.09 -5.30
CA ILE A 277 -22.79 -13.60 -6.67
C ILE A 277 -24.06 -13.22 -7.43
N ARG A 278 -25.21 -13.55 -6.86
CA ARG A 278 -26.46 -13.25 -7.55
C ARG A 278 -26.63 -11.75 -7.73
N GLN A 279 -26.13 -10.95 -6.79
CA GLN A 279 -26.24 -9.51 -6.91
C GLN A 279 -25.44 -8.96 -8.08
N ASN A 280 -24.24 -9.52 -8.32
CA ASN A 280 -23.36 -8.93 -9.32
C ASN A 280 -23.90 -9.07 -10.74
N VAL A 281 -24.72 -10.10 -11.01
CA VAL A 281 -25.24 -10.20 -12.37
C VAL A 281 -26.27 -9.14 -12.66
N GLN A 282 -26.72 -8.40 -11.63
CA GLN A 282 -27.64 -7.29 -11.84
C GLN A 282 -27.00 -6.11 -12.55
N VAL A 283 -25.69 -6.19 -12.83
CA VAL A 283 -24.99 -5.08 -13.48
C VAL A 283 -25.66 -4.72 -14.80
N PHE A 284 -26.26 -5.68 -15.48
CA PHE A 284 -26.91 -5.40 -16.75
C PHE A 284 -28.26 -4.70 -16.59
N GLU A 285 -28.75 -4.49 -15.36
CA GLU A 285 -30.11 -4.01 -15.15
C GLU A 285 -30.23 -2.49 -15.10
N PHE A 286 -29.13 -1.73 -15.12
CA PHE A 286 -29.25 -0.29 -14.98
C PHE A 286 -28.17 0.41 -15.80
N GLN A 287 -28.28 1.74 -15.90
CA GLN A 287 -27.37 2.55 -16.69
C GLN A 287 -26.79 3.66 -15.84
N LEU A 288 -25.48 3.90 -16.01
CA LEU A 288 -24.85 5.10 -15.50
C LEU A 288 -24.99 6.20 -16.52
N THR A 289 -25.30 7.42 -16.05
CA THR A 289 -25.36 8.58 -16.94
C THR A 289 -23.95 9.03 -17.33
N ALA A 290 -23.88 9.95 -18.29
CA ALA A 290 -22.59 10.52 -18.65
C ALA A 290 -22.01 11.32 -17.48
N GLU A 291 -22.87 11.91 -16.66
CA GLU A 291 -22.40 12.70 -15.53
C GLU A 291 -21.82 11.80 -14.45
N ASP A 292 -22.46 10.65 -14.19
CA ASP A 292 -21.91 9.68 -13.24
C ASP A 292 -20.58 9.14 -13.73
N MET A 293 -20.45 8.88 -15.03
CA MET A 293 -19.22 8.31 -15.56
C MET A 293 -18.03 9.26 -15.34
N LYS A 294 -18.19 10.55 -15.64
CA LYS A 294 -17.12 11.51 -15.38
C LYS A 294 -16.83 11.64 -13.90
N ALA A 295 -17.84 11.53 -13.04
CA ALA A 295 -17.58 11.55 -11.61
C ALA A 295 -16.73 10.35 -11.18
N ILE A 296 -17.03 9.16 -11.71
CA ILE A 296 -16.22 8.00 -11.39
C ILE A 296 -14.81 8.15 -12.00
N ASP A 297 -14.72 8.66 -13.23
CA ASP A 297 -13.41 8.97 -13.79
C ASP A 297 -12.56 9.78 -12.80
N GLY A 298 -13.20 10.71 -12.09
CA GLY A 298 -12.47 11.63 -11.22
C GLY A 298 -11.79 10.99 -10.03
N LEU A 299 -12.21 9.77 -9.64
CA LEU A 299 -11.66 9.09 -8.48
C LEU A 299 -10.27 8.50 -8.72
N ASP A 300 -9.75 8.56 -9.93
CA ASP A 300 -8.49 7.91 -10.27
C ASP A 300 -7.36 8.43 -9.39
N ARG A 301 -6.64 7.50 -8.74
CA ARG A 301 -5.67 7.83 -7.72
C ARG A 301 -4.32 7.18 -7.96
N ASN A 302 -4.09 6.59 -9.13
CA ASN A 302 -2.85 5.86 -9.43
C ASN A 302 -2.53 4.86 -8.32
N LEU A 303 -3.56 4.16 -7.83
CA LEU A 303 -3.38 3.19 -6.75
C LEU A 303 -3.56 1.78 -7.31
N HIS A 304 -2.47 1.01 -7.37
CA HIS A 304 -2.58 -0.43 -7.59
C HIS A 304 -2.47 -1.14 -6.24
N TYR A 305 -3.51 -1.91 -5.88
CA TYR A 305 -3.52 -2.51 -4.55
C TYR A 305 -2.39 -3.50 -4.38
N PHE A 306 -2.03 -4.20 -5.45
CA PHE A 306 -0.95 -5.18 -5.40
CA PHE A 306 -0.96 -5.17 -5.34
C PHE A 306 0.38 -4.46 -5.21
N ASN A 307 1.05 -4.73 -4.09
CA ASN A 307 2.38 -4.12 -3.78
C ASN A 307 3.32 -5.22 -3.26
N SER A 308 4.54 -5.28 -3.80
CA SER A 308 5.54 -6.30 -3.39
C SER A 308 6.95 -5.77 -3.64
N ASP A 309 7.74 -5.59 -2.58
CA ASP A 309 9.13 -5.08 -2.69
C ASP A 309 9.97 -6.09 -3.49
N SER A 310 9.60 -7.38 -3.42
CA SER A 310 10.30 -8.45 -4.13
C SER A 310 10.09 -8.34 -5.63
N PHE A 311 8.84 -8.29 -6.08
CA PHE A 311 8.58 -8.22 -7.52
C PHE A 311 8.83 -6.83 -8.09
N ALA A 312 8.94 -5.80 -7.24
CA ALA A 312 9.20 -4.45 -7.74
C ALA A 312 10.57 -4.36 -8.40
N SER A 313 11.50 -5.22 -8.00
CA SER A 313 12.83 -5.22 -8.60
C SER A 313 12.93 -6.15 -9.81
N HIS A 314 11.84 -6.80 -10.18
CA HIS A 314 11.89 -7.70 -11.34
C HIS A 314 12.11 -6.89 -12.61
N PRO A 315 13.05 -7.30 -13.49
CA PRO A 315 13.29 -6.59 -14.75
C PRO A 315 12.04 -6.70 -15.64
N ASN A 316 10.96 -7.26 -15.10
CA ASN A 316 9.69 -7.45 -15.85
C ASN A 316 8.54 -6.73 -15.12
N TYR A 317 8.85 -6.12 -13.97
CA TYR A 317 7.82 -5.39 -13.19
C TYR A 317 7.11 -4.39 -14.12
N PRO A 318 5.80 -4.55 -14.39
CA PRO A 318 5.10 -3.65 -15.32
C PRO A 318 4.86 -2.25 -14.80
N TYR A 319 4.83 -2.05 -13.48
CA TYR A 319 4.60 -0.72 -12.94
C TYR A 319 5.90 0.08 -12.82
N GLN B 6 -7.86 9.38 8.13
CA GLN B 6 -7.26 8.94 6.88
C GLN B 6 -5.77 8.61 6.99
N CYS B 7 -5.23 8.13 5.87
CA CYS B 7 -3.84 7.75 5.70
C CYS B 7 -3.31 8.43 4.45
N VAL B 8 -1.98 8.56 4.37
CA VAL B 8 -1.32 9.09 3.18
C VAL B 8 -0.45 7.98 2.60
N LYS B 9 -0.35 7.94 1.27
CA LYS B 9 0.40 6.88 0.61
C LYS B 9 1.88 7.25 0.58
N LEU B 10 2.71 6.41 1.18
CA LEU B 10 4.15 6.70 1.18
C LEU B 10 4.76 6.27 -0.15
N ASN B 11 6.02 6.69 -0.38
CA ASN B 11 6.58 6.50 -1.71
C ASN B 11 7.00 5.07 -1.97
N ASP B 12 6.97 4.19 -0.97
CA ASP B 12 7.19 2.77 -1.19
C ASP B 12 5.89 1.96 -1.27
N GLY B 13 4.73 2.61 -1.23
CA GLY B 13 3.44 1.94 -1.36
C GLY B 13 2.69 1.70 -0.07
N HIS B 14 3.33 1.94 1.07
CA HIS B 14 2.68 1.72 2.35
C HIS B 14 1.89 2.95 2.76
N PHE B 15 0.93 2.76 3.67
CA PHE B 15 0.04 3.83 4.08
C PHE B 15 0.30 4.17 5.55
N MET B 16 0.36 5.46 5.83
CA MET B 16 0.62 6.01 7.16
C MET B 16 -0.56 6.83 7.58
N PRO B 17 -1.15 6.56 8.74
CA PRO B 17 -2.20 7.43 9.27
C PRO B 17 -1.64 8.83 9.55
N VAL B 18 -2.44 9.84 9.21
CA VAL B 18 -1.97 11.22 9.22
C VAL B 18 -1.94 11.85 10.60
N LEU B 19 -2.58 11.22 11.59
CA LEU B 19 -2.50 11.64 12.99
C LEU B 19 -1.77 10.56 13.76
N GLY B 20 -0.65 10.93 14.40
CA GLY B 20 0.15 10.01 15.19
C GLY B 20 0.12 10.33 16.67
N PHE B 21 0.23 9.30 17.51
CA PHE B 21 0.28 9.50 18.95
C PHE B 21 1.74 9.53 19.40
N GLY B 22 2.12 10.62 20.07
CA GLY B 22 3.50 10.78 20.53
C GLY B 22 3.65 10.21 21.93
N THR B 23 4.67 9.35 22.11
CA THR B 23 4.78 8.61 23.37
C THR B 23 5.88 9.12 24.29
N TYR B 24 6.67 10.11 23.90
CA TYR B 24 7.79 10.48 24.76
C TYR B 24 7.27 11.20 26.00
N ALA B 25 7.72 10.75 27.16
CA ALA B 25 7.56 11.52 28.40
C ALA B 25 8.91 11.61 29.11
N PRO B 26 9.13 12.67 29.88
CA PRO B 26 10.41 12.83 30.59
C PRO B 26 10.66 11.69 31.57
N PRO B 27 11.92 11.45 31.95
CA PRO B 27 12.24 10.30 32.81
C PRO B 27 11.55 10.31 34.16
N GLU B 28 11.08 11.46 34.64
CA GLU B 28 10.39 11.49 35.92
C GLU B 28 9.03 10.79 35.86
N VAL B 29 8.40 10.77 34.69
CA VAL B 29 7.12 10.08 34.55
C VAL B 29 7.34 8.58 34.71
N PRO B 30 6.61 7.90 35.59
CA PRO B 30 6.80 6.45 35.75
C PRO B 30 6.54 5.71 34.43
N ARG B 31 7.35 4.68 34.17
CA ARG B 31 7.21 3.95 32.91
C ARG B 31 5.80 3.38 32.73
N SER B 32 5.14 3.00 33.83
CA SER B 32 3.78 2.48 33.73
C SER B 32 2.85 3.41 32.98
N LYS B 33 3.13 4.71 33.00
CA LYS B 33 2.22 5.66 32.36
C LYS B 33 2.19 5.51 30.84
N ALA B 34 3.31 5.10 30.22
CA ALA B 34 3.32 4.90 28.77
C ALA B 34 2.42 3.74 28.37
N LEU B 35 2.45 2.66 29.14
CA LEU B 35 1.48 1.58 28.93
C LEU B 35 0.05 2.10 29.06
N GLU B 36 -0.21 2.82 30.15
CA GLU B 36 -1.55 3.31 30.42
C GLU B 36 -2.08 4.15 29.26
N VAL B 37 -1.32 5.16 28.83
CA VAL B 37 -1.87 6.13 27.87
C VAL B 37 -1.84 5.60 26.44
N THR B 38 -0.90 4.71 26.10
CA THR B 38 -0.94 4.15 24.75
C THR B 38 -2.23 3.37 24.55
N LYS B 39 -2.68 2.66 25.59
CA LYS B 39 -3.97 1.99 25.54
C LYS B 39 -5.11 2.99 25.35
N LEU B 40 -5.12 4.08 26.13
CA LEU B 40 -6.15 5.13 25.99
C LEU B 40 -6.12 5.77 24.61
N ALA B 41 -4.92 6.02 24.09
CA ALA B 41 -4.81 6.62 22.76
C ALA B 41 -5.42 5.71 21.71
N ILE B 42 -5.11 4.41 21.77
CA ILE B 42 -5.70 3.45 20.83
C ILE B 42 -7.21 3.38 21.03
N GLU B 43 -7.65 3.39 22.29
CA GLU B 43 -9.09 3.38 22.54
C GLU B 43 -9.76 4.61 21.94
N ALA B 44 -9.07 5.74 21.94
CA ALA B 44 -9.66 6.97 21.44
C ALA B 44 -9.69 7.04 19.92
N GLY B 45 -8.93 6.20 19.22
CA GLY B 45 -8.90 6.24 17.77
C GLY B 45 -7.52 6.33 17.15
N PHE B 46 -6.50 6.62 17.94
CA PHE B 46 -5.15 6.67 17.40
C PHE B 46 -4.72 5.30 16.86
N ARG B 47 -4.20 5.27 15.64
CA ARG B 47 -3.62 4.05 15.10
C ARG B 47 -2.15 4.19 14.77
N HIS B 48 -1.67 5.41 14.53
CA HIS B 48 -0.26 5.70 14.34
C HIS B 48 0.38 5.97 15.71
N ILE B 49 1.44 5.22 16.03
CA ILE B 49 2.07 5.26 17.34
C ILE B 49 3.57 5.53 17.14
N ASP B 50 4.08 6.61 17.74
CA ASP B 50 5.46 7.06 17.54
C ASP B 50 6.28 6.85 18.80
N SER B 51 7.23 5.91 18.72
CA SER B 51 8.15 5.57 19.83
C SER B 51 9.60 5.56 19.31
N ALA B 52 10.57 5.23 20.17
CA ALA B 52 11.97 5.20 19.77
C ALA B 52 12.77 4.53 20.86
N HIS B 53 13.96 4.04 20.49
CA HIS B 53 14.83 3.45 21.50
C HIS B 53 15.16 4.46 22.60
N LEU B 54 15.35 5.72 22.21
CA LEU B 54 15.70 6.77 23.17
C LEU B 54 14.66 6.89 24.27
N TYR B 55 13.39 6.67 23.92
CA TYR B 55 12.28 7.01 24.80
C TYR B 55 12.18 6.10 26.01
N ASN B 56 12.95 5.02 26.05
CA ASN B 56 12.92 4.06 27.15
C ASN B 56 11.48 3.67 27.49
N ASN B 57 10.69 3.35 26.46
CA ASN B 57 9.27 2.98 26.73
C ASN B 57 8.75 2.07 25.62
N GLU B 58 9.62 1.30 24.95
CA GLU B 58 9.06 0.43 23.92
C GLU B 58 8.43 -0.83 24.53
N GLU B 59 8.92 -1.29 25.69
CA GLU B 59 8.34 -2.47 26.33
C GLU B 59 6.89 -2.20 26.71
N GLN B 60 6.62 -0.98 27.15
CA GLN B 60 5.30 -0.59 27.60
C GLN B 60 4.39 -0.22 26.45
N VAL B 61 4.90 0.52 25.46
CA VAL B 61 4.09 0.80 24.28
C VAL B 61 3.75 -0.49 23.55
N GLY B 62 4.72 -1.40 23.42
CA GLY B 62 4.45 -2.69 22.80
C GLY B 62 3.42 -3.50 23.56
N LEU B 63 3.56 -3.54 24.89
CA LEU B 63 2.58 -4.26 25.70
C LEU B 63 1.19 -3.65 25.54
N ALA B 64 1.11 -2.32 25.43
CA ALA B 64 -0.21 -1.71 25.21
C ALA B 64 -0.81 -2.17 23.89
N ILE B 65 0.02 -2.28 22.85
CA ILE B 65 -0.46 -2.77 21.56
C ILE B 65 -0.95 -4.21 21.67
N ARG B 66 -0.12 -5.08 22.28
CA ARG B 66 -0.53 -6.44 22.59
C ARG B 66 -1.88 -6.47 23.30
N SER B 67 -2.04 -5.59 24.28
CA SER B 67 -3.24 -5.57 25.10
C SER B 67 -4.48 -5.25 24.28
N LYS B 68 -4.42 -4.21 23.45
CA LYS B 68 -5.57 -3.83 22.64
C LYS B 68 -5.85 -4.84 21.54
N ILE B 69 -4.82 -5.55 21.09
CA ILE B 69 -5.06 -6.63 20.14
C ILE B 69 -5.70 -7.81 20.84
N ALA B 70 -5.18 -8.17 22.03
CA ALA B 70 -5.69 -9.34 22.74
C ALA B 70 -7.16 -9.19 23.09
N ASP B 71 -7.62 -7.96 23.35
CA ASP B 71 -9.03 -7.77 23.69
C ASP B 71 -9.86 -7.37 22.49
N GLY B 72 -9.33 -7.54 21.28
CA GLY B 72 -10.09 -7.40 20.07
C GLY B 72 -10.39 -5.98 19.66
N SER B 73 -9.78 -4.98 20.31
CA SER B 73 -10.00 -3.60 19.90
C SER B 73 -9.44 -3.34 18.50
N VAL B 74 -8.29 -3.94 18.18
CA VAL B 74 -7.63 -3.76 16.89
C VAL B 74 -6.90 -5.04 16.55
N LYS B 75 -6.52 -5.15 15.28
CA LYS B 75 -5.56 -6.13 14.79
C LYS B 75 -4.21 -5.43 14.56
N ARG B 76 -3.14 -6.22 14.56
CA ARG B 76 -1.79 -5.67 14.41
C ARG B 76 -1.67 -4.82 13.14
N GLU B 77 -2.33 -5.24 12.06
CA GLU B 77 -2.22 -4.47 10.83
C GLU B 77 -2.95 -3.14 10.92
N ASP B 78 -3.80 -2.94 11.92
CA ASP B 78 -4.44 -1.63 12.09
C ASP B 78 -3.50 -0.63 12.74
N ILE B 79 -2.39 -1.08 13.33
CA ILE B 79 -1.46 -0.25 14.08
C ILE B 79 -0.28 0.11 13.19
N PHE B 80 0.02 1.40 13.11
CA PHE B 80 1.23 1.92 12.47
C PHE B 80 2.20 2.32 13.58
N TYR B 81 3.21 1.49 13.82
CA TYR B 81 4.15 1.67 14.93
C TYR B 81 5.51 2.08 14.42
N THR B 82 6.03 3.17 14.96
CA THR B 82 7.32 3.70 14.56
C THR B 82 8.33 3.54 15.69
N SER B 83 9.54 3.19 15.31
CA SER B 83 10.66 3.26 16.21
C SER B 83 11.79 4.00 15.49
N LYS B 84 12.86 4.29 16.21
CA LYS B 84 13.92 5.13 15.69
C LYS B 84 15.26 4.60 16.14
N LEU B 85 16.21 4.55 15.21
CA LEU B 85 17.60 4.17 15.46
C LEU B 85 18.31 5.30 16.19
N TRP B 86 18.72 5.08 17.43
CA TRP B 86 19.41 6.15 18.16
C TRP B 86 20.82 6.38 17.60
N SER B 87 21.37 7.58 17.87
CA SER B 87 22.56 8.05 17.16
C SER B 87 23.86 7.42 17.61
N THR B 88 23.84 6.55 18.62
CA THR B 88 25.03 5.78 18.95
C THR B 88 25.13 4.49 18.14
N PHE B 89 24.15 4.23 17.27
CA PHE B 89 24.11 3.03 16.46
C PHE B 89 24.10 3.36 14.98
N HIS B 90 24.66 4.53 14.60
CA HIS B 90 24.70 4.90 13.20
C HIS B 90 25.66 4.03 12.42
N ARG B 91 26.66 3.46 13.09
CA ARG B 91 27.63 2.63 12.39
C ARG B 91 26.92 1.40 11.83
N PRO B 92 27.11 1.11 10.54
CA PRO B 92 26.19 0.20 9.84
C PRO B 92 26.03 -1.16 10.51
N GLU B 93 27.10 -1.72 11.09
CA GLU B 93 26.99 -3.03 11.70
C GLU B 93 26.09 -3.01 12.94
N LEU B 94 25.87 -1.84 13.53
CA LEU B 94 25.02 -1.70 14.71
C LEU B 94 23.55 -1.53 14.38
N VAL B 95 23.19 -1.33 13.11
CA VAL B 95 21.85 -0.89 12.77
C VAL B 95 20.84 -2.02 12.95
N ARG B 96 21.02 -3.11 12.20
CA ARG B 96 20.10 -4.24 12.32
C ARG B 96 20.02 -4.80 13.74
N PRO B 97 21.10 -4.95 14.49
CA PRO B 97 20.94 -5.35 15.91
C PRO B 97 20.11 -4.38 16.73
N ALA B 98 20.22 -3.08 16.45
CA ALA B 98 19.45 -2.12 17.22
C ALA B 98 17.97 -2.23 16.89
N LEU B 99 17.65 -2.51 15.62
CA LEU B 99 16.25 -2.65 15.23
C LEU B 99 15.63 -3.90 15.84
N GLU B 100 16.39 -5.01 15.83
CA GLU B 100 15.90 -6.25 16.41
C GLU B 100 15.78 -6.16 17.92
N ASN B 101 16.64 -5.36 18.56
CA ASN B 101 16.49 -5.11 19.98
C ASN B 101 15.19 -4.36 20.28
N SER B 102 14.90 -3.29 19.52
CA SER B 102 13.63 -2.60 19.71
C SER B 102 12.45 -3.53 19.45
N LEU B 103 12.50 -4.28 18.35
CA LEU B 103 11.48 -5.28 18.05
C LEU B 103 11.29 -6.27 19.20
N LYS B 104 12.39 -6.76 19.75
CA LYS B 104 12.30 -7.66 20.91
C LYS B 104 11.68 -6.96 22.09
N LYS B 105 12.14 -5.73 22.34
CA LYS B 105 11.63 -4.95 23.45
C LYS B 105 10.13 -4.71 23.31
N ALA B 106 9.69 -4.30 22.14
CA ALA B 106 8.28 -3.96 21.92
C ALA B 106 7.41 -5.18 21.64
N GLN B 107 7.95 -6.39 21.74
CA GLN B 107 7.21 -7.63 21.43
C GLN B 107 6.57 -7.58 20.04
N LEU B 108 7.32 -7.07 19.06
CA LEU B 108 6.82 -6.98 17.69
C LEU B 108 7.70 -7.81 16.77
N ASP B 109 7.10 -8.27 15.66
CA ASP B 109 7.89 -8.91 14.61
C ASP B 109 8.46 -7.92 13.60
N TYR B 110 7.79 -6.79 13.39
CA TYR B 110 8.26 -5.75 12.46
C TYR B 110 7.82 -4.40 13.00
N VAL B 111 8.54 -3.34 12.62
CA VAL B 111 8.04 -1.98 12.80
C VAL B 111 7.42 -1.54 11.48
N ASP B 112 6.35 -0.75 11.58
CA ASP B 112 5.82 -0.12 10.37
C ASP B 112 6.81 0.88 9.81
N LEU B 113 7.61 1.49 10.69
CA LEU B 113 8.45 2.60 10.28
C LEU B 113 9.66 2.64 11.19
N TYR B 114 10.85 2.65 10.59
CA TYR B 114 12.10 2.82 11.30
C TYR B 114 12.79 4.08 10.79
N LEU B 115 13.20 4.95 11.70
CA LEU B 115 13.85 6.22 11.35
C LEU B 115 15.26 6.29 11.88
N ILE B 116 16.18 6.86 11.11
CA ILE B 116 17.36 7.43 11.74
C ILE B 116 16.89 8.60 12.60
N HIS B 117 17.12 8.51 13.92
CA HIS B 117 16.55 9.50 14.84
C HIS B 117 17.09 10.90 14.58
N SER B 118 18.35 11.02 14.20
CA SER B 118 18.99 12.33 14.06
C SER B 118 20.21 12.15 13.19
N PRO B 119 20.64 13.18 12.46
CA PRO B 119 21.86 13.04 11.67
C PRO B 119 23.14 13.17 12.48
N MET B 120 23.04 13.51 13.77
CA MET B 120 24.22 13.86 14.59
C MET B 120 24.73 12.61 15.30
N SER B 121 25.69 11.95 14.67
CA SER B 121 26.22 10.70 15.21
C SER B 121 26.93 10.94 16.55
N LEU B 122 26.73 9.99 17.45
CA LEU B 122 27.31 10.01 18.78
C LEU B 122 28.21 8.79 18.96
N LYS B 123 29.04 8.85 19.99
CA LYS B 123 30.03 7.81 20.24
C LYS B 123 29.34 6.48 20.53
N PRO B 124 29.73 5.38 19.89
CA PRO B 124 29.14 4.08 20.21
C PRO B 124 29.45 3.68 21.65
N GLY B 125 28.53 2.94 22.26
CA GLY B 125 28.61 2.59 23.66
C GLY B 125 27.24 2.65 24.28
N GLU B 126 27.09 1.95 25.42
CA GLU B 126 25.75 1.73 25.96
C GLU B 126 25.16 2.94 26.68
N GLU B 127 25.84 4.07 26.73
CA GLU B 127 25.23 5.30 27.22
C GLU B 127 24.52 5.98 26.06
N LEU B 128 23.34 6.54 26.34
CA LEU B 128 22.60 7.23 25.29
C LEU B 128 23.25 8.55 24.92
N SER B 129 23.72 9.29 25.93
CA SER B 129 24.40 10.56 25.74
C SER B 129 25.81 10.41 26.31
N PRO B 130 26.73 9.87 25.54
CA PRO B 130 28.12 9.76 26.01
C PRO B 130 28.68 11.13 26.36
N THR B 131 29.14 11.25 27.60
CA THR B 131 29.77 12.47 28.11
C THR B 131 31.24 12.18 28.39
N ASP B 132 32.06 13.20 28.24
CA ASP B 132 33.48 13.05 28.57
C ASP B 132 33.70 13.21 30.07
N GLU B 133 34.97 13.13 30.50
CA GLU B 133 35.30 13.40 31.89
C GLU B 133 35.07 14.87 32.27
N ASN B 134 34.67 15.70 31.31
CA ASN B 134 34.29 17.09 31.56
C ASN B 134 32.81 17.34 31.34
N GLY B 135 32.04 16.32 30.98
CA GLY B 135 30.60 16.43 30.87
C GLY B 135 30.04 16.84 29.53
N LYS B 136 30.86 16.87 28.48
CA LYS B 136 30.41 17.33 27.17
C LYS B 136 29.99 16.15 26.29
N VAL B 137 29.07 16.42 25.36
CA VAL B 137 28.62 15.42 24.41
C VAL B 137 29.80 14.96 23.54
N ILE B 138 29.82 13.69 23.16
CA ILE B 138 30.92 13.11 22.40
C ILE B 138 30.37 12.61 21.06
N PHE B 139 30.74 13.29 19.99
CA PHE B 139 30.25 12.95 18.66
C PHE B 139 31.10 11.85 18.01
N ASP B 140 30.54 11.29 16.95
CA ASP B 140 31.18 10.30 16.12
C ASP B 140 31.03 10.76 14.68
N ILE B 141 31.82 10.20 13.78
CA ILE B 141 31.71 10.57 12.37
C ILE B 141 31.41 9.30 11.60
N VAL B 142 30.25 9.28 10.92
CA VAL B 142 29.76 8.15 10.15
C VAL B 142 29.20 8.69 8.84
N ASP B 143 29.44 7.98 7.74
CA ASP B 143 28.82 8.31 6.46
C ASP B 143 27.38 7.81 6.49
N LEU B 144 26.41 8.73 6.60
CA LEU B 144 25.02 8.34 6.82
C LEU B 144 24.43 7.57 5.64
N CYS B 145 25.02 7.66 4.44
CA CYS B 145 24.64 6.77 3.36
C CYS B 145 24.95 5.32 3.69
N THR B 146 25.93 5.07 4.54
CA THR B 146 26.18 3.68 4.89
C THR B 146 25.18 3.20 5.94
N THR B 147 24.84 4.08 6.88
CA THR B 147 23.69 3.82 7.74
C THR B 147 22.43 3.54 6.93
N TRP B 148 22.16 4.37 5.93
CA TRP B 148 20.97 4.17 5.12
C TRP B 148 21.01 2.82 4.42
N GLU B 149 22.18 2.41 3.93
CA GLU B 149 22.27 1.10 3.31
C GLU B 149 21.82 0.02 4.28
N ALA B 150 22.26 0.12 5.54
CA ALA B 150 21.85 -0.85 6.54
C ALA B 150 20.36 -0.75 6.84
N MET B 151 19.77 0.45 6.69
CA MET B 151 18.31 0.58 6.81
C MET B 151 17.60 -0.14 5.67
N GLU B 152 18.08 0.06 4.44
CA GLU B 152 17.48 -0.62 3.30
C GLU B 152 17.48 -2.13 3.49
N LYS B 153 18.57 -2.67 4.05
CA LYS B 153 18.63 -4.11 4.30
C LYS B 153 17.56 -4.51 5.31
N CYS B 154 17.30 -3.65 6.29
CA CYS B 154 16.28 -3.93 7.28
C CYS B 154 14.90 -3.99 6.64
N LYS B 155 14.63 -3.10 5.67
CA LYS B 155 13.37 -3.18 4.95
C LYS B 155 13.28 -4.48 4.14
N ASP B 156 14.36 -4.85 3.45
CA ASP B 156 14.31 -6.02 2.58
C ASP B 156 14.14 -7.31 3.38
N ALA B 157 14.58 -7.33 4.63
CA ALA B 157 14.35 -8.45 5.52
C ALA B 157 12.96 -8.43 6.12
N GLY B 158 12.15 -7.41 5.83
CA GLY B 158 10.83 -7.31 6.41
C GLY B 158 10.80 -6.90 7.86
N LEU B 159 11.92 -6.48 8.44
CA LEU B 159 11.90 -6.04 9.83
C LEU B 159 11.33 -4.62 9.99
N ALA B 160 11.33 -3.82 8.93
CA ALA B 160 10.61 -2.54 8.88
C ALA B 160 9.76 -2.53 7.63
N LYS B 161 8.49 -2.10 7.77
CA LYS B 161 7.67 -1.92 6.57
C LYS B 161 8.23 -0.78 5.72
N SER B 162 8.54 0.34 6.35
CA SER B 162 9.07 1.51 5.67
C SER B 162 10.26 2.05 6.46
N ILE B 163 11.10 2.83 5.77
CA ILE B 163 12.27 3.44 6.41
C ILE B 163 12.30 4.92 6.06
N GLY B 164 12.72 5.75 7.01
CA GLY B 164 12.85 7.17 6.78
C GLY B 164 13.82 7.77 7.75
N VAL B 165 13.84 9.11 7.76
CA VAL B 165 14.78 9.86 8.59
C VAL B 165 14.01 10.85 9.45
N SER B 166 14.75 11.44 10.40
CA SER B 166 14.25 12.46 11.30
C SER B 166 15.34 13.50 11.52
N ASN B 167 14.91 14.75 11.65
CA ASN B 167 15.80 15.89 11.92
C ASN B 167 16.81 16.14 10.80
N PHE B 168 16.54 15.71 9.56
CA PHE B 168 17.43 16.02 8.45
C PHE B 168 17.07 17.36 7.85
N ASN B 169 18.08 18.08 7.36
CA ASN B 169 17.80 19.23 6.51
C ASN B 169 17.91 18.80 5.04
N ARG B 170 17.64 19.75 4.15
CA ARG B 170 17.64 19.44 2.72
C ARG B 170 18.98 18.86 2.28
N ARG B 171 20.09 19.49 2.68
CA ARG B 171 21.40 18.99 2.26
C ARG B 171 21.57 17.53 2.66
N GLN B 172 21.28 17.22 3.92
CA GLN B 172 21.35 15.84 4.40
C GLN B 172 20.41 14.92 3.63
N LEU B 173 19.17 15.36 3.39
CA LEU B 173 18.26 14.56 2.58
C LEU B 173 18.84 14.26 1.20
N GLU B 174 19.42 15.27 0.57
CA GLU B 174 19.89 15.14 -0.80
C GLU B 174 21.09 14.21 -0.86
N MET B 175 21.96 14.29 0.15
CA MET B 175 23.00 13.30 0.34
C MET B 175 22.47 11.87 0.17
N ILE B 176 21.28 11.58 0.69
CA ILE B 176 20.74 10.24 0.53
C ILE B 176 20.09 10.08 -0.83
N LEU B 177 19.31 11.09 -1.25
CA LEU B 177 18.57 11.00 -2.50
C LEU B 177 19.50 10.78 -3.68
N ASN B 178 20.66 11.44 -3.67
CA ASN B 178 21.61 11.35 -4.76
C ASN B 178 22.63 10.25 -4.56
N LYS B 179 22.35 9.31 -3.68
CA LYS B 179 23.32 8.28 -3.35
C LYS B 179 23.40 7.27 -4.48
N PRO B 180 24.61 6.99 -4.99
CA PRO B 180 24.74 6.01 -6.07
C PRO B 180 24.24 4.65 -5.61
N GLY B 181 23.44 4.02 -6.45
CA GLY B 181 22.80 2.81 -6.07
C GLY B 181 21.66 2.91 -5.06
N LEU B 182 21.02 4.08 -4.96
CA LEU B 182 19.97 4.25 -3.98
C LEU B 182 18.84 3.31 -4.29
N LYS B 183 18.42 2.52 -3.31
CA LYS B 183 17.34 1.55 -3.53
C LYS B 183 16.00 2.06 -3.03
N TYR B 184 15.92 2.52 -1.79
CA TYR B 184 14.67 3.07 -1.26
C TYR B 184 14.91 4.51 -0.84
N LYS B 185 14.06 5.40 -1.33
CA LYS B 185 14.06 6.75 -0.78
C LYS B 185 13.58 6.72 0.66
N PRO B 186 13.86 7.77 1.45
CA PRO B 186 13.17 7.90 2.74
C PRO B 186 11.69 8.18 2.50
N VAL B 187 10.84 7.48 3.24
CA VAL B 187 9.41 7.79 3.12
C VAL B 187 9.06 9.08 3.81
N CYS B 188 9.79 9.50 4.85
CA CYS B 188 9.41 10.74 5.49
C CYS B 188 10.62 11.40 6.12
N ASN B 189 10.38 12.59 6.65
CA ASN B 189 11.38 13.36 7.41
C ASN B 189 10.63 13.97 8.57
N GLN B 190 10.80 13.37 9.76
CA GLN B 190 10.16 13.84 10.99
C GLN B 190 10.99 14.96 11.61
N VAL B 191 10.41 16.17 11.71
CA VAL B 191 11.10 17.38 12.12
C VAL B 191 10.20 18.26 12.97
N GLU B 192 10.81 19.13 13.77
CA GLU B 192 10.01 20.11 14.51
C GLU B 192 9.20 20.97 13.55
N CYS B 193 7.90 21.11 13.80
CA CYS B 193 7.04 21.82 12.84
C CYS B 193 5.76 22.25 13.52
N HIS B 194 5.49 23.57 13.54
CA HIS B 194 4.36 24.20 14.24
C HIS B 194 4.19 25.65 13.72
N PRO B 195 3.10 26.36 14.04
CA PRO B 195 2.92 27.70 13.45
C PRO B 195 4.07 28.67 13.68
N TYR B 196 4.90 28.41 14.70
CA TYR B 196 6.09 29.25 14.95
C TYR B 196 7.07 29.00 13.80
N PHE B 197 7.37 27.76 13.61
CA PHE B 197 8.43 27.25 12.72
C PHE B 197 7.74 26.26 11.79
N ASN B 198 7.11 26.75 10.72
CA ASN B 198 6.24 25.89 9.94
C ASN B 198 6.95 25.14 8.84
N ARG B 199 8.25 25.40 8.63
CA ARG B 199 9.08 24.59 7.74
C ARG B 199 8.58 24.59 6.31
N SER B 200 7.88 25.65 5.90
CA SER B 200 7.33 25.69 4.54
C SER B 200 8.41 25.50 3.48
N LYS B 201 9.66 25.91 3.74
CA LYS B 201 10.71 25.70 2.75
C LYS B 201 11.05 24.22 2.63
N LEU B 202 11.34 23.58 3.75
CA LEU B 202 11.60 22.14 3.76
C LEU B 202 10.39 21.34 3.31
N LEU B 203 9.19 21.80 3.65
CA LEU B 203 7.99 21.08 3.23
C LEU B 203 7.87 21.07 1.72
N ASP B 204 8.12 22.23 1.08
CA ASP B 204 8.03 22.27 -0.37
C ASP B 204 9.05 21.34 -1.01
N PHE B 205 10.28 21.33 -0.50
CA PHE B 205 11.28 20.39 -1.05
C PHE B 205 10.86 18.94 -0.84
N CYS B 206 10.45 18.59 0.39
CA CYS B 206 10.00 17.24 0.67
C CYS B 206 8.90 16.83 -0.31
N LYS B 207 7.90 17.70 -0.47
CA LYS B 207 6.80 17.46 -1.41
C LYS B 207 7.33 17.24 -2.82
N SER B 208 8.38 17.98 -3.20
CA SER B 208 8.93 17.83 -4.55
C SER B 208 9.56 16.47 -4.76
N LYS B 209 9.85 15.74 -3.69
CA LYS B 209 10.51 14.44 -3.82
C LYS B 209 9.64 13.30 -3.34
N ASP B 210 8.34 13.55 -3.13
CA ASP B 210 7.40 12.56 -2.60
C ASP B 210 7.85 12.02 -1.24
N ILE B 211 8.37 12.91 -0.42
CA ILE B 211 8.79 12.60 0.94
C ILE B 211 7.84 13.30 1.90
N VAL B 212 7.25 12.52 2.80
CA VAL B 212 6.26 13.04 3.75
C VAL B 212 6.97 13.77 4.88
N LEU B 213 6.51 14.97 5.19
CA LEU B 213 7.01 15.67 6.36
C LEU B 213 6.13 15.35 7.57
N VAL B 214 6.75 14.84 8.64
CA VAL B 214 6.04 14.48 9.86
C VAL B 214 6.41 15.49 10.93
N ALA B 215 5.41 16.14 11.50
CA ALA B 215 5.62 17.25 12.42
C ALA B 215 5.66 16.74 13.86
N TYR B 216 6.75 17.04 14.57
CA TYR B 216 6.78 16.85 16.00
C TYR B 216 6.78 18.18 16.73
N SER B 217 6.49 18.13 18.03
CA SER B 217 6.23 19.32 18.84
C SER B 217 5.25 20.25 18.12
N ALA B 218 4.18 19.65 17.56
CA ALA B 218 3.22 20.44 16.82
C ALA B 218 2.35 21.28 17.73
N LEU B 219 2.34 21.00 19.03
CA LEU B 219 1.63 21.82 20.00
C LEU B 219 2.58 22.69 20.83
N GLY B 220 3.79 22.93 20.32
CA GLY B 220 4.78 23.79 20.97
C GLY B 220 5.69 23.14 21.98
N SER B 221 5.83 21.82 21.97
CA SER B 221 6.76 21.03 22.83
C SER B 221 6.25 20.79 24.25
N GLN B 222 6.97 19.95 24.97
CA GLN B 222 6.63 19.70 26.36
C GLN B 222 7.31 20.80 27.22
N ARG B 223 8.13 21.65 26.59
CA ARG B 223 8.75 22.78 27.28
C ARG B 223 9.57 22.30 28.48
N ASP B 224 10.25 21.17 28.30
CA ASP B 224 11.12 20.61 29.32
C ASP B 224 12.16 21.65 29.75
N LYS B 225 12.20 21.90 31.03
CA LYS B 225 13.21 22.83 31.55
C LYS B 225 14.61 22.47 31.04
N ARG B 226 14.89 21.18 30.85
CA ARG B 226 16.26 20.76 30.47
C ARG B 226 16.63 21.23 29.05
N TRP B 227 15.69 21.57 28.14
CA TRP B 227 16.06 21.89 26.75
C TRP B 227 15.27 23.04 26.18
N VAL B 228 14.34 23.62 26.94
CA VAL B 228 13.46 24.64 26.35
C VAL B 228 13.47 25.93 27.15
N ASP B 229 13.92 27.00 26.51
CA ASP B 229 14.05 28.24 27.25
C ASP B 229 12.72 28.65 27.83
N PRO B 230 12.60 28.77 29.16
CA PRO B 230 11.27 28.94 29.76
C PRO B 230 10.58 30.23 29.38
N ASN B 231 11.30 31.20 28.81
CA ASN B 231 10.69 32.46 28.38
C ASN B 231 10.43 32.49 26.87
N SER B 232 10.54 31.36 26.19
CA SER B 232 10.03 31.27 24.84
C SER B 232 8.51 31.46 24.84
N PRO B 233 7.93 31.95 23.75
CA PRO B 233 6.48 32.06 23.70
C PRO B 233 5.83 30.68 23.72
N VAL B 234 4.74 30.57 24.47
CA VAL B 234 3.94 29.36 24.51
C VAL B 234 3.08 29.32 23.24
N LEU B 235 3.28 28.29 22.40
CA LEU B 235 2.56 28.20 21.13
C LEU B 235 1.06 28.27 21.34
N LEU B 236 0.54 27.58 22.35
CA LEU B 236 -0.91 27.44 22.50
C LEU B 236 -1.58 28.65 23.12
N GLU B 237 -0.81 29.63 23.61
CA GLU B 237 -1.39 30.89 24.07
C GLU B 237 -1.42 31.95 22.97
N ASP B 238 -1.09 31.58 21.75
CA ASP B 238 -0.94 32.57 20.68
C ASP B 238 -2.30 33.18 20.33
N PRO B 239 -2.40 34.51 20.25
CA PRO B 239 -3.72 35.13 20.09
C PRO B 239 -4.46 34.70 18.83
N VAL B 240 -3.76 34.50 17.70
CA VAL B 240 -4.46 34.14 16.48
C VAL B 240 -5.01 32.72 16.58
N LEU B 241 -4.25 31.82 17.19
CA LEU B 241 -4.74 30.45 17.40
C LEU B 241 -5.95 30.43 18.34
N CYS B 242 -5.90 31.22 19.42
CA CYS B 242 -6.99 31.23 20.38
C CYS B 242 -8.27 31.80 19.75
N ALA B 243 -8.13 32.87 18.98
CA ALA B 243 -9.28 33.45 18.30
C ALA B 243 -9.81 32.51 17.23
N LEU B 244 -8.93 31.80 16.54
CA LEU B 244 -9.41 30.80 15.57
C LEU B 244 -10.12 29.66 16.29
N ALA B 245 -9.65 29.30 17.49
CA ALA B 245 -10.32 28.28 18.28
C ALA B 245 -11.75 28.69 18.62
N LYS B 246 -11.92 29.90 19.16
CA LYS B 246 -13.25 30.39 19.52
C LYS B 246 -14.16 30.45 18.31
N LYS B 247 -13.62 30.92 17.18
CA LYS B 247 -14.41 31.02 15.95
C LYS B 247 -14.95 29.66 15.54
N HIS B 248 -14.13 28.62 15.65
CA HIS B 248 -14.49 27.27 15.26
C HIS B 248 -15.09 26.47 16.42
N LYS B 249 -15.28 27.10 17.57
CA LYS B 249 -15.66 26.43 18.81
C LYS B 249 -14.80 25.20 19.06
N ARG B 250 -13.50 25.38 18.89
CA ARG B 250 -12.52 24.28 19.13
C ARG B 250 -11.53 24.76 20.19
N THR B 251 -10.29 24.27 20.12
CA THR B 251 -9.24 24.65 21.04
C THR B 251 -8.01 25.02 20.22
N PRO B 252 -7.09 25.79 20.81
CA PRO B 252 -5.86 26.12 20.06
C PRO B 252 -5.11 24.89 19.59
N ALA B 253 -5.05 23.85 20.40
CA ALA B 253 -4.33 22.64 19.99
C ALA B 253 -5.00 22.00 18.78
N LEU B 254 -6.33 21.93 18.78
CA LEU B 254 -7.05 21.41 17.62
C LEU B 254 -6.79 22.26 16.39
N ILE B 255 -6.76 23.59 16.55
CA ILE B 255 -6.34 24.45 15.44
C ILE B 255 -4.95 24.06 14.96
N ALA B 256 -4.03 23.86 15.91
CA ALA B 256 -2.64 23.62 15.54
C ALA B 256 -2.48 22.29 14.80
N LEU B 257 -3.25 21.27 15.19
CA LEU B 257 -3.16 20.00 14.50
C LEU B 257 -3.79 20.09 13.11
N ARG B 258 -4.96 20.75 13.02
CA ARG B 258 -5.66 20.84 11.75
C ARG B 258 -4.82 21.57 10.71
N TYR B 259 -4.10 22.62 11.15
CA TYR B 259 -3.20 23.35 10.27
C TYR B 259 -2.29 22.42 9.49
N GLN B 260 -1.67 21.48 10.20
CA GLN B 260 -0.72 20.58 9.55
C GLN B 260 -1.41 19.67 8.54
N LEU B 261 -2.59 19.14 8.91
CA LEU B 261 -3.30 18.22 8.04
C LEU B 261 -3.64 18.86 6.69
N GLN B 262 -4.11 20.11 6.69
CA GLN B 262 -4.49 20.75 5.44
C GLN B 262 -3.29 21.21 4.62
N ARG B 263 -2.08 21.25 5.18
CA ARG B 263 -0.84 21.51 4.45
C ARG B 263 -0.22 20.23 3.88
N GLY B 264 -0.90 19.09 3.99
CA GLY B 264 -0.31 17.84 3.58
C GLY B 264 0.79 17.36 4.50
N VAL B 265 0.75 17.73 5.77
CA VAL B 265 1.72 17.31 6.78
C VAL B 265 1.04 16.29 7.70
N VAL B 266 1.76 15.19 8.02
CA VAL B 266 1.32 14.25 9.04
C VAL B 266 1.76 14.78 10.40
N VAL B 267 0.88 14.73 11.38
CA VAL B 267 1.08 15.48 12.63
C VAL B 267 1.01 14.54 13.82
N LEU B 268 2.01 14.65 14.69
CA LEU B 268 2.04 13.94 15.95
C LEU B 268 1.41 14.80 17.04
N ALA B 269 0.85 14.15 18.05
CA ALA B 269 0.34 14.83 19.22
C ALA B 269 0.62 13.96 20.44
N LYS B 270 1.45 14.48 21.35
CA LYS B 270 1.67 13.82 22.64
C LYS B 270 0.68 14.35 23.66
N SER B 271 0.02 13.44 24.36
CA SER B 271 -0.66 13.80 25.60
C SER B 271 -0.71 12.57 26.49
N TYR B 272 -0.52 12.79 27.79
CA TYR B 272 -0.68 11.73 28.79
C TYR B 272 -1.94 11.94 29.62
N ASN B 273 -2.91 12.67 29.07
CA ASN B 273 -4.16 13.01 29.75
C ASN B 273 -5.32 12.47 28.93
N GLU B 274 -6.17 11.64 29.55
CA GLU B 274 -7.21 10.95 28.81
C GLU B 274 -8.10 11.93 28.04
N GLN B 275 -8.53 13.01 28.69
CA GLN B 275 -9.45 13.95 28.03
C GLN B 275 -8.78 14.65 26.86
N ARG B 276 -7.50 15.03 27.00
CA ARG B 276 -6.86 15.68 25.85
C ARG B 276 -6.52 14.67 24.76
N ILE B 277 -6.27 13.41 25.11
CA ILE B 277 -6.04 12.40 24.09
C ILE B 277 -7.29 12.19 23.24
N ARG B 278 -8.46 12.14 23.88
CA ARG B 278 -9.71 12.01 23.13
C ARG B 278 -10.09 13.33 22.44
N GLN B 279 -9.71 14.47 23.02
CA GLN B 279 -9.92 15.75 22.32
C GLN B 279 -9.18 15.78 20.99
N ASN B 280 -7.93 15.31 20.95
CA ASN B 280 -7.09 15.49 19.77
C ASN B 280 -7.58 14.71 18.56
N VAL B 281 -8.24 13.55 18.75
CA VAL B 281 -8.77 12.85 17.60
C VAL B 281 -9.92 13.61 16.94
N GLN B 282 -10.47 14.63 17.61
CA GLN B 282 -11.51 15.45 17.00
C GLN B 282 -10.98 16.35 15.89
N VAL B 283 -9.67 16.30 15.61
CA VAL B 283 -9.13 17.11 14.52
C VAL B 283 -9.79 16.76 13.19
N PHE B 284 -10.33 15.56 13.07
CA PHE B 284 -10.97 15.15 11.83
C PHE B 284 -12.40 15.69 11.68
N GLU B 285 -12.88 16.48 12.63
CA GLU B 285 -14.29 16.87 12.67
C GLU B 285 -14.58 18.25 12.10
N PHE B 286 -13.57 19.07 11.84
CA PHE B 286 -13.83 20.41 11.34
C PHE B 286 -12.77 20.78 10.31
N GLN B 287 -12.87 22.00 9.80
CA GLN B 287 -12.05 22.39 8.66
C GLN B 287 -11.71 23.87 8.77
N LEU B 288 -10.44 24.20 8.59
CA LEU B 288 -10.01 25.59 8.53
C LEU B 288 -10.19 26.14 7.12
N THR B 289 -10.72 27.36 7.03
CA THR B 289 -10.85 28.03 5.74
C THR B 289 -9.49 28.34 5.17
N ALA B 290 -9.48 28.74 3.89
CA ALA B 290 -8.22 29.09 3.25
C ALA B 290 -7.63 30.37 3.82
N GLU B 291 -8.46 31.34 4.24
CA GLU B 291 -7.90 32.50 4.94
C GLU B 291 -7.45 32.15 6.34
N ASP B 292 -8.12 31.19 6.98
CA ASP B 292 -7.64 30.69 8.26
C ASP B 292 -6.21 30.21 8.12
N MET B 293 -5.95 29.44 7.05
CA MET B 293 -4.63 28.88 6.86
C MET B 293 -3.59 29.98 6.61
N LYS B 294 -3.96 31.00 5.83
CA LYS B 294 -3.03 32.09 5.60
C LYS B 294 -2.77 32.85 6.89
N ALA B 295 -3.80 33.01 7.72
CA ALA B 295 -3.59 33.62 9.03
C ALA B 295 -2.54 32.86 9.83
N ILE B 296 -2.64 31.53 9.84
CA ILE B 296 -1.69 30.73 10.61
C ILE B 296 -0.30 30.78 9.98
N ASP B 297 -0.23 30.76 8.64
CA ASP B 297 1.04 30.88 7.93
C ASP B 297 1.86 32.08 8.39
N GLY B 298 1.19 33.19 8.72
CA GLY B 298 1.89 34.40 9.09
C GLY B 298 2.53 34.39 10.46
N LEU B 299 2.33 33.33 11.24
CA LEU B 299 2.90 33.27 12.58
C LEU B 299 4.36 32.87 12.61
N ASP B 300 4.92 32.37 11.51
CA ASP B 300 6.24 31.77 11.54
C ASP B 300 7.23 32.75 12.14
N ARG B 301 7.96 32.31 13.16
CA ARG B 301 8.92 33.15 13.87
C ARG B 301 10.31 32.53 13.90
N ASN B 302 10.54 31.47 13.12
CA ASN B 302 11.81 30.74 13.15
C ASN B 302 12.20 30.38 14.58
N LEU B 303 11.21 29.95 15.36
CA LEU B 303 11.42 29.61 16.75
C LEU B 303 11.60 28.10 16.90
N HIS B 304 12.77 27.70 17.42
CA HIS B 304 13.09 26.30 17.66
C HIS B 304 12.97 26.04 19.16
N TYR B 305 12.05 25.16 19.54
CA TYR B 305 11.87 24.92 20.97
C TYR B 305 13.04 24.14 21.54
N PHE B 306 13.66 23.26 20.77
CA PHE B 306 14.74 22.43 21.27
C PHE B 306 16.06 23.21 21.19
N ASN B 307 16.45 23.74 22.37
CA ASN B 307 17.58 24.68 22.65
C ASN B 307 18.80 23.99 23.28
N SER B 308 19.83 23.67 22.51
CA SER B 308 21.00 22.95 23.09
C SER B 308 22.34 23.39 22.50
N ASP B 309 23.22 23.91 23.35
CA ASP B 309 24.57 24.44 23.01
C ASP B 309 25.68 23.38 22.91
N SER B 310 25.33 22.15 23.20
CA SER B 310 26.03 20.85 23.13
C SER B 310 25.90 20.27 21.71
N PHE B 311 24.74 20.44 21.06
CA PHE B 311 24.64 19.89 19.72
C PHE B 311 24.93 20.93 18.62
N ALA B 312 24.84 22.23 18.92
CA ALA B 312 25.05 23.22 17.87
C ALA B 312 26.49 23.24 17.36
N SER B 313 27.42 22.65 18.11
CA SER B 313 28.81 22.50 17.66
C SER B 313 29.04 21.22 16.88
N HIS B 314 28.02 20.36 16.75
CA HIS B 314 28.15 19.12 16.01
C HIS B 314 28.33 19.39 14.51
N PRO B 315 29.26 18.69 13.84
CA PRO B 315 29.43 18.90 12.40
C PRO B 315 28.17 18.63 11.57
N ASN B 316 27.32 17.69 11.99
CA ASN B 316 26.10 17.37 11.28
C ASN B 316 24.87 18.06 11.88
N TYR B 317 25.10 19.15 12.61
CA TYR B 317 23.99 19.92 13.25
C TYR B 317 23.08 20.48 12.16
N PRO B 318 21.78 20.08 12.11
CA PRO B 318 20.85 20.58 11.10
C PRO B 318 20.38 22.01 11.42
#